data_2D6Y
#
_entry.id   2D6Y
#
_cell.length_a   44.639
_cell.length_b   47.334
_cell.length_c   190.693
_cell.angle_alpha   90.00
_cell.angle_beta   90.00
_cell.angle_gamma   90.00
#
_symmetry.space_group_name_H-M   'P 21 21 21'
#
loop_
_entity.id
_entity.type
_entity.pdbx_description
1 polymer 'putative tetR family regulatory protein'
2 non-polymer 'L(+)-TARTARIC ACID'
3 water water
#
_entity_poly.entity_id   1
_entity_poly.type   'polypeptide(L)'
_entity_poly.pdbx_seq_one_letter_code
;(MSE)AARDPEATKARIFEAAVAEFARHGIAGARIDRIAAEARANKQLIYAYYGNKGELFASVLEKK(MSE)LDLAISVP
VDPDDIEGWIDRLLDYHAAHPELLRLLFWEG(MSE)EYGTAELPHEAERQEHYARKVAAVRDGQERGVITDAIPAPDLLF
LLVA(MSE)ANWAVVVPQ(MSE)KRILVGGGDAGTDGLRDSIKKAARRIVDRRSLEHHHHHH
;
_entity_poly.pdbx_strand_id   A,B
#
loop_
_chem_comp.id
_chem_comp.type
_chem_comp.name
_chem_comp.formula
TLA non-polymer 'L(+)-TARTARIC ACID' 'C4 H6 O6'
#
# COMPACT_ATOMS: atom_id res chain seq x y z
N GLU A 7 26.59 -20.50 3.94
CA GLU A 7 26.55 -20.08 5.36
C GLU A 7 27.72 -19.15 5.72
N ALA A 8 28.27 -18.49 4.70
CA ALA A 8 29.37 -17.56 4.91
C ALA A 8 28.86 -16.38 5.72
N THR A 9 29.68 -15.35 5.88
CA THR A 9 29.25 -14.19 6.65
C THR A 9 28.43 -13.25 5.77
N LYS A 10 28.82 -13.10 4.50
CA LYS A 10 28.07 -12.24 3.59
C LYS A 10 26.60 -12.69 3.62
N ALA A 11 26.39 -14.00 3.69
CA ALA A 11 25.04 -14.55 3.73
C ALA A 11 24.34 -14.21 5.05
N ARG A 12 25.10 -14.22 6.14
CA ARG A 12 24.53 -13.89 7.44
C ARG A 12 24.12 -12.42 7.49
N ILE A 13 24.98 -11.54 6.99
CA ILE A 13 24.69 -10.11 6.97
C ILE A 13 23.43 -9.87 6.15
N PHE A 14 23.38 -10.48 4.97
CA PHE A 14 22.24 -10.34 4.07
C PHE A 14 20.94 -10.65 4.79
N GLU A 15 20.91 -11.79 5.46
CA GLU A 15 19.73 -12.23 6.19
C GLU A 15 19.37 -11.29 7.33
N ALA A 16 20.37 -10.88 8.10
CA ALA A 16 20.16 -9.97 9.21
C ALA A 16 19.67 -8.62 8.69
N ALA A 17 20.23 -8.20 7.56
CA ALA A 17 19.86 -6.93 6.94
C ALA A 17 18.38 -6.97 6.55
N VAL A 18 17.94 -8.07 5.97
CA VAL A 18 16.55 -8.23 5.56
C VAL A 18 15.63 -8.04 6.74
N ALA A 19 15.88 -8.82 7.79
CA ALA A 19 15.08 -8.77 9.00
C ALA A 19 15.02 -7.35 9.58
N GLU A 20 16.20 -6.72 9.68
CA GLU A 20 16.29 -5.38 10.23
C GLU A 20 15.52 -4.34 9.39
N PHE A 21 15.71 -4.39 8.07
CA PHE A 21 15.05 -3.46 7.18
C PHE A 21 13.54 -3.68 7.17
N ALA A 22 13.16 -4.95 7.24
CA ALA A 22 11.76 -5.34 7.26
C ALA A 22 11.01 -4.71 8.44
N ARG A 23 11.59 -4.72 9.64
CA ARG A 23 10.86 -4.14 10.74
C ARG A 23 11.08 -2.66 11.03
N HIS A 24 12.29 -2.14 10.80
CA HIS A 24 12.57 -0.73 11.07
C HIS A 24 12.69 0.20 9.86
N GLY A 25 12.65 -0.34 8.66
CA GLY A 25 12.78 0.52 7.50
C GLY A 25 14.23 0.95 7.27
N ILE A 26 14.45 1.87 6.35
CA ILE A 26 15.80 2.31 6.05
C ILE A 26 16.41 3.25 7.09
N ALA A 27 15.69 4.31 7.43
CA ALA A 27 16.17 5.28 8.39
C ALA A 27 16.23 4.72 9.81
N GLY A 28 15.25 3.91 10.16
CA GLY A 28 15.21 3.33 11.49
C GLY A 28 16.07 2.09 11.66
N ALA A 29 16.68 1.62 10.57
CA ALA A 29 17.52 0.43 10.64
C ALA A 29 18.85 0.75 11.32
N ARG A 30 19.31 -0.17 12.16
CA ARG A 30 20.57 0.04 12.85
C ARG A 30 21.63 -0.96 12.43
N ILE A 31 22.76 -0.47 11.94
CA ILE A 31 23.85 -1.32 11.50
C ILE A 31 24.40 -2.18 12.64
N ASP A 32 24.42 -1.64 13.84
CA ASP A 32 24.92 -2.38 15.00
C ASP A 32 24.06 -3.62 15.19
N ARG A 33 22.75 -3.42 15.15
CA ARG A 33 21.79 -4.50 15.32
C ARG A 33 22.02 -5.57 14.26
N ILE A 34 22.19 -5.15 13.00
CA ILE A 34 22.42 -6.09 11.92
C ILE A 34 23.71 -6.86 12.17
N ALA A 35 24.74 -6.16 12.64
CA ALA A 35 26.02 -6.80 12.92
C ALA A 35 25.86 -7.83 14.04
N ALA A 36 25.24 -7.41 15.13
CA ALA A 36 25.03 -8.31 16.27
C ALA A 36 24.24 -9.54 15.84
N GLU A 37 23.10 -9.33 15.18
CA GLU A 37 22.27 -10.44 14.72
C GLU A 37 22.98 -11.35 13.72
N ALA A 38 23.93 -10.80 12.96
CA ALA A 38 24.66 -11.59 11.98
C ALA A 38 25.94 -12.17 12.56
N ARG A 39 26.24 -11.83 13.81
CA ARG A 39 27.47 -12.32 14.44
C ARG A 39 28.64 -11.88 13.58
N ALA A 40 28.56 -10.67 13.06
CA ALA A 40 29.61 -10.13 12.22
C ALA A 40 29.96 -8.73 12.67
N ASN A 41 31.23 -8.40 12.60
CA ASN A 41 31.72 -7.09 12.98
C ASN A 41 31.10 -6.02 12.07
N LYS A 42 30.86 -4.84 12.61
CA LYS A 42 30.29 -3.73 11.86
C LYS A 42 31.08 -3.41 10.58
N GLN A 43 32.41 -3.44 10.67
CA GLN A 43 33.26 -3.15 9.51
C GLN A 43 33.04 -4.13 8.37
N LEU A 44 32.71 -5.38 8.71
CA LEU A 44 32.48 -6.38 7.67
C LEU A 44 31.28 -6.05 6.80
N ILE A 45 30.26 -5.44 7.40
CA ILE A 45 29.07 -5.05 6.66
C ILE A 45 29.45 -4.01 5.62
N TYR A 46 30.29 -3.06 6.00
CA TYR A 46 30.72 -2.02 5.06
C TYR A 46 31.68 -2.60 4.02
N ALA A 47 32.42 -3.66 4.38
CA ALA A 47 33.34 -4.27 3.44
C ALA A 47 32.56 -4.94 2.32
N TYR A 48 31.46 -5.57 2.68
CA TYR A 48 30.66 -6.27 1.67
C TYR A 48 29.59 -5.42 0.98
N TYR A 49 29.14 -4.33 1.60
CA TYR A 49 28.10 -3.53 0.97
C TYR A 49 28.31 -2.02 0.92
N GLY A 50 29.45 -1.54 1.43
CA GLY A 50 29.73 -0.12 1.38
C GLY A 50 29.03 0.78 2.39
N ASN A 51 27.70 0.84 2.34
CA ASN A 51 26.95 1.68 3.27
C ASN A 51 25.50 1.21 3.39
N LYS A 52 24.79 1.73 4.40
CA LYS A 52 23.40 1.33 4.64
C LYS A 52 22.48 1.40 3.43
N GLY A 53 22.57 2.49 2.67
CA GLY A 53 21.75 2.65 1.49
C GLY A 53 22.06 1.61 0.43
N GLU A 54 23.36 1.33 0.24
CA GLU A 54 23.79 0.35 -0.75
C GLU A 54 23.32 -1.04 -0.29
N LEU A 55 23.39 -1.26 1.01
CA LEU A 55 22.97 -2.53 1.60
C LEU A 55 21.49 -2.78 1.34
N PHE A 56 20.66 -1.77 1.59
CA PHE A 56 19.23 -1.90 1.35
C PHE A 56 18.97 -2.15 -0.12
N ALA A 57 19.55 -1.31 -0.98
CA ALA A 57 19.34 -1.46 -2.41
C ALA A 57 19.73 -2.85 -2.89
N SER A 58 20.82 -3.39 -2.35
CA SER A 58 21.26 -4.72 -2.75
C SER A 58 20.28 -5.79 -2.28
N VAL A 59 19.89 -5.70 -1.02
CA VAL A 59 18.97 -6.68 -0.46
C VAL A 59 17.63 -6.67 -1.19
N LEU A 60 17.10 -5.48 -1.44
CA LEU A 60 15.82 -5.37 -2.12
C LEU A 60 15.90 -5.87 -3.55
N GLU A 61 16.94 -5.46 -4.25
CA GLU A 61 17.15 -5.87 -5.63
C GLU A 61 17.15 -7.39 -5.76
N LYS A 62 17.77 -8.06 -4.81
CA LYS A 62 17.85 -9.52 -4.82
C LYS A 62 16.49 -10.19 -4.65
N LYS A 63 15.69 -9.71 -3.71
CA LYS A 63 14.37 -10.29 -3.48
C LYS A 63 13.50 -10.09 -4.72
N MSE A 64 13.68 -8.95 -5.39
CA MSE A 64 12.89 -8.67 -6.59
C MSE A 64 13.31 -9.53 -7.76
O MSE A 64 12.47 -9.93 -8.58
CB MSE A 64 13.00 -7.21 -6.95
CG MSE A 64 12.18 -6.32 -6.04
SE MSE A 64 12.26 -4.51 -6.63
CE MSE A 64 14.05 -4.09 -6.05
N LEU A 65 14.59 -9.82 -7.86
CA LEU A 65 15.08 -10.66 -8.95
C LEU A 65 14.47 -12.05 -8.72
N ASP A 66 14.45 -12.48 -7.46
CA ASP A 66 13.88 -13.78 -7.11
C ASP A 66 12.43 -13.88 -7.57
N LEU A 67 11.61 -12.88 -7.23
CA LEU A 67 10.21 -12.90 -7.64
C LEU A 67 10.10 -12.82 -9.15
N ALA A 68 10.91 -11.96 -9.77
CA ALA A 68 10.87 -11.80 -11.22
C ALA A 68 11.14 -13.10 -11.97
N ILE A 69 12.10 -13.87 -11.46
CA ILE A 69 12.44 -15.13 -12.09
C ILE A 69 11.43 -16.22 -11.76
N SER A 70 10.90 -16.19 -10.54
CA SER A 70 9.91 -17.18 -10.12
C SER A 70 8.52 -16.95 -10.73
N VAL A 71 8.13 -15.69 -10.91
CA VAL A 71 6.82 -15.42 -11.49
C VAL A 71 6.82 -14.26 -12.49
N PRO A 72 7.18 -14.57 -13.74
CA PRO A 72 7.26 -13.62 -14.85
C PRO A 72 5.88 -13.14 -15.24
N VAL A 73 5.78 -11.89 -15.70
CA VAL A 73 4.50 -11.35 -16.14
C VAL A 73 4.07 -12.16 -17.36
N ASP A 74 2.95 -12.85 -17.26
CA ASP A 74 2.47 -13.65 -18.39
C ASP A 74 1.09 -13.24 -18.90
N PRO A 75 1.06 -12.51 -20.01
CA PRO A 75 -0.18 -12.03 -20.62
C PRO A 75 -1.10 -13.15 -21.10
N ASP A 76 -0.53 -14.31 -21.43
CA ASP A 76 -1.35 -15.42 -21.92
C ASP A 76 -2.01 -16.24 -20.82
N ASP A 77 -1.78 -15.87 -19.56
CA ASP A 77 -2.41 -16.57 -18.44
C ASP A 77 -2.43 -15.62 -17.25
N ILE A 78 -3.18 -14.53 -17.39
CA ILE A 78 -3.28 -13.52 -16.35
C ILE A 78 -3.72 -14.11 -15.03
N GLU A 79 -4.70 -15.01 -15.07
CA GLU A 79 -5.21 -15.62 -13.86
C GLU A 79 -4.19 -16.54 -13.19
N GLY A 80 -3.40 -17.26 -13.99
CA GLY A 80 -2.40 -18.14 -13.40
C GLY A 80 -1.31 -17.28 -12.84
N TRP A 81 -1.02 -16.18 -13.53
CA TRP A 81 0.01 -15.25 -13.11
C TRP A 81 -0.36 -14.66 -11.74
N ILE A 82 -1.63 -14.27 -11.59
CA ILE A 82 -2.11 -13.70 -10.33
C ILE A 82 -1.98 -14.72 -9.22
N ASP A 83 -2.35 -15.97 -9.51
CA ASP A 83 -2.26 -17.04 -8.52
C ASP A 83 -0.83 -17.20 -8.00
N ARG A 84 0.12 -17.23 -8.93
CA ARG A 84 1.52 -17.39 -8.56
C ARG A 84 2.03 -16.17 -7.81
N LEU A 85 1.56 -14.99 -8.21
CA LEU A 85 1.98 -13.76 -7.54
C LEU A 85 1.51 -13.78 -6.08
N LEU A 86 0.22 -14.08 -5.87
CA LEU A 86 -0.32 -14.13 -4.52
C LEU A 86 0.39 -15.19 -3.69
N ASP A 87 0.65 -16.34 -4.30
CA ASP A 87 1.34 -17.44 -3.60
C ASP A 87 2.71 -16.99 -3.10
N TYR A 88 3.47 -16.36 -4.00
CA TYR A 88 4.81 -15.91 -3.66
C TYR A 88 4.86 -14.90 -2.51
N HIS A 89 4.00 -13.88 -2.53
CA HIS A 89 3.98 -12.89 -1.45
C HIS A 89 3.62 -13.51 -0.11
N ALA A 90 2.69 -14.46 -0.13
CA ALA A 90 2.29 -15.12 1.09
C ALA A 90 3.48 -15.92 1.64
N ALA A 91 4.27 -16.49 0.73
CA ALA A 91 5.43 -17.28 1.13
C ALA A 91 6.68 -16.44 1.42
N HIS A 92 6.74 -15.22 0.89
CA HIS A 92 7.89 -14.35 1.09
C HIS A 92 7.42 -12.91 1.31
N PRO A 93 6.91 -12.61 2.50
CA PRO A 93 6.41 -11.27 2.83
C PRO A 93 7.44 -10.14 2.99
N GLU A 94 8.73 -10.47 2.97
CA GLU A 94 9.75 -9.43 3.14
C GLU A 94 9.79 -8.45 1.98
N LEU A 95 9.63 -8.97 0.77
CA LEU A 95 9.67 -8.15 -0.43
C LEU A 95 8.75 -6.93 -0.35
N LEU A 96 7.45 -7.17 -0.30
CA LEU A 96 6.50 -6.06 -0.23
C LEU A 96 6.81 -5.12 0.93
N ARG A 97 7.15 -5.68 2.08
CA ARG A 97 7.48 -4.85 3.24
C ARG A 97 8.64 -3.88 2.92
N LEU A 98 9.69 -4.41 2.31
CA LEU A 98 10.87 -3.61 1.95
C LEU A 98 10.50 -2.55 0.92
N LEU A 99 9.66 -2.93 -0.01
CA LEU A 99 9.23 -2.04 -1.07
C LEU A 99 8.47 -0.85 -0.47
N PHE A 100 7.69 -1.09 0.57
CA PHE A 100 6.94 -0.01 1.22
C PHE A 100 7.89 0.95 1.89
N TRP A 101 8.86 0.40 2.63
CA TRP A 101 9.84 1.23 3.32
C TRP A 101 10.57 2.09 2.31
N GLU A 102 10.93 1.49 1.17
CA GLU A 102 11.64 2.23 0.14
C GLU A 102 10.80 3.40 -0.36
N GLY A 103 9.53 3.12 -0.65
CA GLY A 103 8.64 4.16 -1.13
C GLY A 103 8.54 5.29 -0.13
N MSE A 104 8.52 4.95 1.15
CA MSE A 104 8.39 5.96 2.19
C MSE A 104 9.67 6.78 2.34
O MSE A 104 9.62 7.98 2.58
CB MSE A 104 8.06 5.29 3.52
CG MSE A 104 7.50 6.24 4.56
SE MSE A 104 7.30 5.40 6.31
CE MSE A 104 8.96 6.02 7.10
N GLU A 105 10.81 6.10 2.18
CA GLU A 105 12.12 6.73 2.31
C GLU A 105 12.48 7.64 1.13
N TYR A 106 12.33 7.14 -0.09
CA TYR A 106 12.70 7.93 -1.27
C TYR A 106 11.59 8.71 -1.96
N GLY A 107 10.34 8.38 -1.67
CA GLY A 107 9.25 9.10 -2.31
C GLY A 107 9.39 9.05 -3.81
N THR A 108 9.54 10.21 -4.45
CA THR A 108 9.68 10.27 -5.89
C THR A 108 11.12 10.53 -6.35
N ALA A 109 12.07 10.46 -5.41
CA ALA A 109 13.48 10.70 -5.72
C ALA A 109 14.16 9.50 -6.40
N GLU A 110 15.22 9.79 -7.13
CA GLU A 110 16.00 8.77 -7.84
C GLU A 110 16.44 7.71 -6.84
N LEU A 111 16.44 6.45 -7.26
CA LEU A 111 16.86 5.37 -6.37
C LEU A 111 18.34 5.06 -6.54
N PRO A 112 18.98 4.53 -5.49
CA PRO A 112 20.41 4.20 -5.57
C PRO A 112 20.76 3.39 -6.83
N HIS A 113 19.96 2.36 -7.13
CA HIS A 113 20.17 1.53 -8.31
C HIS A 113 19.07 1.83 -9.32
N GLU A 114 18.84 3.12 -9.53
CA GLU A 114 17.82 3.62 -10.44
C GLU A 114 17.82 2.88 -11.79
N ALA A 115 18.98 2.84 -12.44
CA ALA A 115 19.10 2.19 -13.74
C ALA A 115 18.64 0.74 -13.73
N GLU A 116 19.07 -0.02 -12.73
CA GLU A 116 18.69 -1.42 -12.64
C GLU A 116 17.19 -1.56 -12.40
N ARG A 117 16.60 -0.62 -11.66
CA ARG A 117 15.17 -0.69 -11.38
C ARG A 117 14.40 -0.42 -12.68
N GLN A 118 14.88 0.54 -13.45
CA GLN A 118 14.26 0.92 -14.72
C GLN A 118 14.14 -0.30 -15.65
N GLU A 119 15.24 -1.03 -15.80
CA GLU A 119 15.26 -2.22 -16.66
C GLU A 119 14.29 -3.26 -16.13
N HIS A 120 14.28 -3.42 -14.82
CA HIS A 120 13.40 -4.37 -14.16
C HIS A 120 11.98 -4.18 -14.68
N TYR A 121 11.47 -2.95 -14.59
CA TYR A 121 10.12 -2.65 -15.05
C TYR A 121 9.96 -2.66 -16.56
N ALA A 122 10.99 -2.23 -17.28
CA ALA A 122 10.93 -2.22 -18.73
C ALA A 122 10.68 -3.64 -19.25
N ARG A 123 11.19 -4.63 -18.53
CA ARG A 123 11.02 -6.02 -18.93
C ARG A 123 9.58 -6.47 -18.67
N LYS A 124 9.06 -6.15 -17.48
CA LYS A 124 7.69 -6.54 -17.15
C LYS A 124 6.71 -5.86 -18.12
N VAL A 125 6.95 -4.57 -18.36
CA VAL A 125 6.11 -3.80 -19.28
C VAL A 125 6.10 -4.47 -20.65
N ALA A 126 7.28 -4.86 -21.11
CA ALA A 126 7.43 -5.51 -22.42
C ALA A 126 6.54 -6.74 -22.51
N ALA A 127 6.49 -7.52 -21.44
CA ALA A 127 5.67 -8.73 -21.44
C ALA A 127 4.19 -8.39 -21.59
N VAL A 128 3.76 -7.26 -21.04
CA VAL A 128 2.36 -6.85 -21.16
C VAL A 128 2.13 -6.30 -22.57
N ARG A 129 3.06 -5.48 -23.04
CA ARG A 129 3.01 -4.91 -24.40
C ARG A 129 2.82 -6.03 -25.41
N ASP A 130 3.73 -6.99 -25.36
CA ASP A 130 3.72 -8.12 -26.26
C ASP A 130 2.33 -8.74 -26.31
N GLY A 131 1.70 -8.86 -25.15
CA GLY A 131 0.36 -9.42 -25.08
C GLY A 131 -0.65 -8.53 -25.76
N GLN A 132 -0.41 -7.22 -25.74
CA GLN A 132 -1.32 -6.28 -26.38
C GLN A 132 -1.16 -6.40 -27.89
N GLU A 133 0.09 -6.32 -28.36
CA GLU A 133 0.42 -6.41 -29.77
C GLU A 133 -0.15 -7.69 -30.38
N ARG A 134 -0.17 -8.77 -29.60
CA ARG A 134 -0.69 -10.04 -30.07
C ARG A 134 -2.21 -10.10 -29.89
N GLY A 135 -2.77 -9.01 -29.36
CA GLY A 135 -4.21 -8.96 -29.15
C GLY A 135 -4.78 -9.92 -28.13
N VAL A 136 -3.96 -10.38 -27.20
CA VAL A 136 -4.46 -11.30 -26.17
C VAL A 136 -4.97 -10.50 -24.98
N ILE A 137 -4.51 -9.25 -24.86
CA ILE A 137 -4.91 -8.36 -23.77
C ILE A 137 -5.26 -6.98 -24.35
N THR A 138 -6.33 -6.38 -23.83
CA THR A 138 -6.76 -5.06 -24.30
C THR A 138 -5.62 -4.08 -24.40
N ASP A 139 -5.81 -3.07 -25.24
CA ASP A 139 -4.82 -2.02 -25.41
C ASP A 139 -5.51 -0.67 -25.21
N ALA A 140 -6.67 -0.73 -24.57
CA ALA A 140 -7.45 0.48 -24.27
C ALA A 140 -6.71 1.23 -23.16
N ILE A 141 -5.92 0.48 -22.40
CA ILE A 141 -5.13 1.01 -21.28
C ILE A 141 -3.64 0.74 -21.60
N PRO A 142 -2.77 1.74 -21.40
CA PRO A 142 -1.33 1.55 -21.69
C PRO A 142 -0.70 0.40 -20.90
N ALA A 143 0.22 -0.32 -21.54
CA ALA A 143 0.89 -1.46 -20.90
C ALA A 143 1.39 -1.17 -19.48
N PRO A 144 2.17 -0.10 -19.30
CA PRO A 144 2.67 0.23 -17.97
C PRO A 144 1.56 0.36 -16.94
N ASP A 145 0.59 1.22 -17.24
CA ASP A 145 -0.54 1.46 -16.35
C ASP A 145 -1.30 0.18 -16.09
N LEU A 146 -1.45 -0.64 -17.13
CA LEU A 146 -2.16 -1.91 -17.02
C LEU A 146 -1.46 -2.83 -16.02
N LEU A 147 -0.15 -2.91 -16.10
CA LEU A 147 0.65 -3.74 -15.20
C LEU A 147 0.49 -3.19 -13.77
N PHE A 148 0.59 -1.87 -13.63
CA PHE A 148 0.47 -1.21 -12.34
C PHE A 148 -0.84 -1.52 -11.61
N LEU A 149 -1.95 -1.37 -12.32
CA LEU A 149 -3.27 -1.59 -11.75
C LEU A 149 -3.51 -3.04 -11.34
N LEU A 150 -2.98 -3.98 -12.12
CA LEU A 150 -3.12 -5.40 -11.83
C LEU A 150 -2.34 -5.69 -10.53
N VAL A 151 -1.14 -5.12 -10.42
CA VAL A 151 -0.31 -5.31 -9.24
C VAL A 151 -0.97 -4.69 -8.01
N ALA A 152 -1.61 -3.54 -8.21
CA ALA A 152 -2.29 -2.85 -7.12
C ALA A 152 -3.34 -3.75 -6.47
N MSE A 153 -4.16 -4.41 -7.28
CA MSE A 153 -5.20 -5.28 -6.73
C MSE A 153 -4.61 -6.49 -6.02
O MSE A 153 -5.17 -6.98 -5.03
CB MSE A 153 -6.12 -5.75 -7.84
CG MSE A 153 -6.88 -4.62 -8.50
SE MSE A 153 -8.29 -5.25 -9.66
CE MSE A 153 -7.19 -6.03 -11.06
N ALA A 154 -3.49 -6.97 -6.53
CA ALA A 154 -2.83 -8.14 -5.97
C ALA A 154 -2.20 -7.87 -4.63
N ASN A 155 -1.58 -6.69 -4.48
CA ASN A 155 -0.86 -6.37 -3.26
C ASN A 155 -1.51 -5.46 -2.21
N TRP A 156 -2.58 -4.75 -2.56
CA TRP A 156 -3.21 -3.82 -1.63
C TRP A 156 -3.52 -4.47 -0.28
N ALA A 157 -4.01 -5.71 -0.30
CA ALA A 157 -4.34 -6.40 0.94
C ALA A 157 -3.17 -6.46 1.91
N VAL A 158 -1.94 -6.55 1.43
CA VAL A 158 -0.82 -6.62 2.36
C VAL A 158 -0.53 -5.28 3.02
N VAL A 159 -0.88 -4.19 2.36
CA VAL A 159 -0.67 -2.85 2.91
C VAL A 159 -1.70 -2.57 4.02
N VAL A 160 -2.94 -2.98 3.80
CA VAL A 160 -3.98 -2.75 4.81
C VAL A 160 -4.71 -4.05 5.20
N PRO A 161 -4.05 -4.89 6.00
CA PRO A 161 -4.61 -6.17 6.45
C PRO A 161 -5.88 -5.96 7.26
N GLN A 162 -5.99 -4.81 7.93
CA GLN A 162 -7.17 -4.54 8.75
C GLN A 162 -8.38 -4.28 7.87
N MSE A 163 -8.18 -3.60 6.76
CA MSE A 163 -9.30 -3.31 5.86
C MSE A 163 -9.78 -4.58 5.18
O MSE A 163 -10.98 -4.80 5.02
CB MSE A 163 -8.86 -2.28 4.81
CG MSE A 163 -9.97 -1.92 3.82
SE MSE A 163 -9.38 -0.70 2.42
CE MSE A 163 -11.06 -0.47 1.47
N LYS A 164 -8.84 -5.43 4.77
CA LYS A 164 -9.16 -6.70 4.12
C LYS A 164 -9.95 -7.57 5.08
N ARG A 165 -9.43 -7.73 6.29
CA ARG A 165 -10.05 -8.54 7.33
C ARG A 165 -11.52 -8.12 7.58
N ILE A 166 -11.72 -6.83 7.80
CA ILE A 166 -13.07 -6.32 8.06
C ILE A 166 -14.00 -6.43 6.85
N LEU A 167 -13.47 -6.09 5.68
CA LEU A 167 -14.26 -6.12 4.45
C LEU A 167 -14.62 -7.48 3.90
N VAL A 168 -13.64 -8.33 3.63
CA VAL A 168 -13.94 -9.63 3.06
C VAL A 168 -13.86 -10.81 4.03
N GLY A 169 -13.58 -10.52 5.30
CA GLY A 169 -13.48 -11.59 6.27
C GLY A 169 -12.05 -12.04 6.48
N GLY A 170 -11.75 -12.45 7.71
CA GLY A 170 -10.40 -12.92 8.02
C GLY A 170 -10.28 -14.41 7.77
N GLY A 171 -9.07 -14.93 7.90
CA GLY A 171 -8.87 -16.36 7.68
C GLY A 171 -8.93 -16.75 6.22
N ASP A 172 -8.71 -18.04 5.97
CA ASP A 172 -8.71 -18.61 4.63
C ASP A 172 -9.94 -18.29 3.78
N ALA A 173 -11.09 -18.14 4.42
CA ALA A 173 -12.31 -17.84 3.70
C ALA A 173 -12.21 -16.45 3.04
N GLY A 174 -11.73 -15.48 3.79
CA GLY A 174 -11.57 -14.14 3.25
C GLY A 174 -10.49 -14.10 2.19
N THR A 175 -9.33 -14.66 2.52
CA THR A 175 -8.21 -14.70 1.59
C THR A 175 -8.56 -15.38 0.27
N ASP A 176 -9.22 -16.54 0.33
CA ASP A 176 -9.60 -17.25 -0.88
C ASP A 176 -10.69 -16.51 -1.68
N GLY A 177 -11.56 -15.77 -0.98
CA GLY A 177 -12.61 -15.04 -1.66
C GLY A 177 -12.06 -13.85 -2.43
N LEU A 178 -11.12 -13.14 -1.81
CA LEU A 178 -10.49 -11.98 -2.44
C LEU A 178 -9.69 -12.44 -3.65
N ARG A 179 -9.08 -13.62 -3.55
CA ARG A 179 -8.28 -14.19 -4.63
C ARG A 179 -9.16 -14.32 -5.87
N ASP A 180 -10.29 -14.97 -5.70
CA ASP A 180 -11.23 -15.18 -6.80
C ASP A 180 -11.70 -13.85 -7.41
N SER A 181 -11.96 -12.86 -6.55
CA SER A 181 -12.44 -11.55 -7.02
C SER A 181 -11.34 -10.84 -7.80
N ILE A 182 -10.11 -10.97 -7.31
CA ILE A 182 -8.97 -10.35 -7.97
C ILE A 182 -8.85 -10.87 -9.39
N LYS A 183 -8.98 -12.19 -9.55
CA LYS A 183 -8.89 -12.81 -10.87
C LYS A 183 -10.03 -12.37 -11.78
N LYS A 184 -11.25 -12.34 -11.23
CA LYS A 184 -12.40 -11.93 -12.03
C LYS A 184 -12.21 -10.47 -12.45
N ALA A 185 -11.72 -9.64 -11.54
CA ALA A 185 -11.51 -8.24 -11.85
C ALA A 185 -10.43 -8.08 -12.92
N ALA A 186 -9.34 -8.83 -12.77
CA ALA A 186 -8.24 -8.76 -13.71
C ALA A 186 -8.69 -9.11 -15.14
N ARG A 187 -9.55 -10.11 -15.24
CA ARG A 187 -10.06 -10.55 -16.53
C ARG A 187 -10.88 -9.44 -17.20
N ARG A 188 -11.81 -8.86 -16.45
CA ARG A 188 -12.65 -7.79 -16.97
C ARG A 188 -11.80 -6.62 -17.48
N ILE A 189 -10.68 -6.39 -16.81
CA ILE A 189 -9.79 -5.28 -17.18
C ILE A 189 -9.00 -5.54 -18.46
N VAL A 190 -8.50 -6.76 -18.61
CA VAL A 190 -7.68 -7.10 -19.76
C VAL A 190 -8.41 -7.67 -20.98
N ASP A 191 -9.57 -8.30 -20.77
CA ASP A 191 -10.33 -8.88 -21.88
C ASP A 191 -10.49 -7.93 -23.07
N ARG A 192 -9.93 -8.32 -24.21
CA ARG A 192 -10.00 -7.51 -25.43
C ARG A 192 -11.44 -7.38 -25.91
N ASP B 5 -9.71 28.83 18.59
CA ASP B 5 -10.16 27.47 18.19
C ASP B 5 -8.95 26.59 17.91
N PRO B 6 -8.08 26.99 16.95
CA PRO B 6 -6.91 26.16 16.67
C PRO B 6 -5.90 26.27 17.81
N GLU B 7 -6.13 27.23 18.71
CA GLU B 7 -5.23 27.43 19.83
C GLU B 7 -5.58 26.57 21.05
N ALA B 8 -6.76 25.95 21.00
CA ALA B 8 -7.21 25.09 22.10
C ALA B 8 -6.20 23.97 22.26
N THR B 9 -5.93 23.59 23.51
CA THR B 9 -4.96 22.54 23.78
C THR B 9 -5.28 21.23 23.07
N LYS B 10 -6.53 20.82 23.13
CA LYS B 10 -6.92 19.57 22.49
C LYS B 10 -6.58 19.60 21.00
N ALA B 11 -6.83 20.75 20.36
CA ALA B 11 -6.54 20.88 18.93
C ALA B 11 -5.05 20.81 18.65
N ARG B 12 -4.23 21.43 19.50
CA ARG B 12 -2.79 21.39 19.30
C ARG B 12 -2.26 19.97 19.44
N ILE B 13 -2.73 19.25 20.46
CA ILE B 13 -2.31 17.86 20.68
C ILE B 13 -2.69 17.03 19.46
N PHE B 14 -3.94 17.18 19.02
CA PHE B 14 -4.44 16.47 17.86
C PHE B 14 -3.50 16.61 16.67
N GLU B 15 -3.19 17.87 16.32
CA GLU B 15 -2.30 18.14 15.19
C GLU B 15 -0.89 17.61 15.39
N ALA B 16 -0.34 17.77 16.58
CA ALA B 16 1.01 17.27 16.86
C ALA B 16 0.99 15.74 16.78
N ALA B 17 -0.10 15.15 17.24
CA ALA B 17 -0.25 13.69 17.22
C ALA B 17 -0.24 13.17 15.79
N VAL B 18 -0.97 13.86 14.92
CA VAL B 18 -1.04 13.46 13.52
C VAL B 18 0.36 13.46 12.91
N ALA B 19 1.06 14.58 13.04
CA ALA B 19 2.41 14.71 12.50
C ALA B 19 3.35 13.63 13.03
N GLU B 20 3.32 13.40 14.34
CA GLU B 20 4.18 12.40 14.96
C GLU B 20 3.86 10.98 14.51
N PHE B 21 2.57 10.64 14.45
CA PHE B 21 2.16 9.30 14.02
C PHE B 21 2.46 9.10 12.54
N ALA B 22 2.30 10.15 11.75
CA ALA B 22 2.57 10.09 10.32
C ALA B 22 4.04 9.76 10.03
N ARG B 23 4.96 10.34 10.81
CA ARG B 23 6.39 10.09 10.60
C ARG B 23 6.91 8.80 11.21
N HIS B 24 6.59 8.57 12.48
CA HIS B 24 7.11 7.40 13.17
C HIS B 24 6.20 6.22 13.43
N GLY B 25 4.94 6.31 13.04
CA GLY B 25 4.05 5.19 13.29
C GLY B 25 3.62 5.13 14.74
N ILE B 26 2.92 4.05 15.11
CA ILE B 26 2.42 3.90 16.47
C ILE B 26 3.48 3.58 17.51
N ALA B 27 4.26 2.54 17.25
CA ALA B 27 5.30 2.12 18.20
C ALA B 27 6.45 3.11 18.28
N GLY B 28 6.82 3.70 17.15
CA GLY B 28 7.91 4.65 17.13
C GLY B 28 7.51 6.05 17.55
N ALA B 29 6.22 6.29 17.76
CA ALA B 29 5.77 7.61 18.15
C ALA B 29 6.17 7.91 19.58
N ARG B 30 6.58 9.14 19.84
CA ARG B 30 6.99 9.55 21.18
C ARG B 30 6.05 10.60 21.78
N ILE B 31 5.42 10.26 22.91
CA ILE B 31 4.50 11.18 23.58
C ILE B 31 5.17 12.49 23.96
N ASP B 32 6.45 12.40 24.32
CA ASP B 32 7.20 13.59 24.69
C ASP B 32 7.25 14.54 23.52
N ARG B 33 7.61 14.01 22.36
CA ARG B 33 7.70 14.83 21.14
C ARG B 33 6.37 15.49 20.84
N ILE B 34 5.29 14.71 20.95
CA ILE B 34 3.95 15.22 20.71
C ILE B 34 3.66 16.38 21.67
N ALA B 35 4.02 16.18 22.94
CA ALA B 35 3.81 17.20 23.96
C ALA B 35 4.62 18.47 23.65
N ALA B 36 5.90 18.28 23.36
CA ALA B 36 6.78 19.40 23.03
C ALA B 36 6.23 20.18 21.83
N GLU B 37 5.95 19.47 20.74
CA GLU B 37 5.45 20.07 19.52
C GLU B 37 4.11 20.77 19.72
N ALA B 38 3.30 20.27 20.65
CA ALA B 38 1.99 20.87 20.91
C ALA B 38 2.05 21.92 22.01
N ARG B 39 3.23 22.09 22.59
CA ARG B 39 3.40 23.07 23.67
C ARG B 39 2.41 22.75 24.77
N ALA B 40 2.25 21.47 25.02
CA ALA B 40 1.35 21.01 26.06
C ALA B 40 2.06 19.97 26.91
N ASN B 41 1.78 19.98 28.20
CA ASN B 41 2.40 19.03 29.09
C ASN B 41 1.95 17.60 28.74
N LYS B 42 2.81 16.63 29.05
CA LYS B 42 2.51 15.24 28.77
C LYS B 42 1.22 14.75 29.42
N GLN B 43 0.98 15.17 30.66
CA GLN B 43 -0.23 14.75 31.36
C GLN B 43 -1.50 15.23 30.66
N LEU B 44 -1.44 16.37 29.99
CA LEU B 44 -2.61 16.89 29.28
C LEU B 44 -3.01 15.96 28.14
N ILE B 45 -2.04 15.34 27.49
CA ILE B 45 -2.34 14.42 26.41
C ILE B 45 -3.16 13.26 26.96
N TYR B 46 -2.74 12.72 28.09
CA TYR B 46 -3.46 11.61 28.71
C TYR B 46 -4.82 12.04 29.25
N ALA B 47 -4.95 13.31 29.61
CA ALA B 47 -6.21 13.82 30.12
C ALA B 47 -7.24 13.87 28.99
N TYR B 48 -6.78 14.23 27.80
CA TYR B 48 -7.66 14.33 26.64
C TYR B 48 -7.83 13.03 25.85
N TYR B 49 -6.85 12.13 25.90
CA TYR B 49 -6.95 10.91 25.13
C TYR B 49 -6.67 9.58 25.82
N GLY B 50 -6.37 9.62 27.11
CA GLY B 50 -6.11 8.39 27.85
C GLY B 50 -4.77 7.71 27.65
N ASN B 51 -4.45 7.29 26.43
CA ASN B 51 -3.19 6.61 26.16
C ASN B 51 -2.83 6.70 24.68
N LYS B 52 -1.58 6.37 24.36
CA LYS B 52 -1.10 6.45 22.98
C LYS B 52 -2.01 5.74 21.97
N GLY B 53 -2.42 4.52 22.29
CA GLY B 53 -3.27 3.75 21.40
C GLY B 53 -4.60 4.44 21.16
N GLU B 54 -5.20 4.95 22.24
CA GLU B 54 -6.48 5.64 22.11
C GLU B 54 -6.31 6.92 21.31
N LEU B 55 -5.18 7.59 21.51
CA LEU B 55 -4.86 8.83 20.79
C LEU B 55 -4.76 8.55 19.29
N PHE B 56 -4.04 7.52 18.91
CA PHE B 56 -3.91 7.17 17.50
C PHE B 56 -5.28 6.82 16.94
N ALA B 57 -6.00 5.94 17.62
CA ALA B 57 -7.33 5.52 17.19
C ALA B 57 -8.24 6.71 16.95
N SER B 58 -8.18 7.69 17.85
CA SER B 58 -9.02 8.87 17.74
C SER B 58 -8.61 9.73 16.56
N VAL B 59 -7.31 9.96 16.42
CA VAL B 59 -6.81 10.77 15.34
C VAL B 59 -7.15 10.15 13.99
N LEU B 60 -6.95 8.84 13.86
CA LEU B 60 -7.23 8.15 12.60
C LEU B 60 -8.71 8.16 12.28
N GLU B 61 -9.52 7.84 13.28
CA GLU B 61 -10.97 7.83 13.09
C GLU B 61 -11.48 9.17 12.55
N LYS B 62 -10.94 10.26 13.07
CA LYS B 62 -11.37 11.58 12.63
C LYS B 62 -11.02 11.88 11.17
N LYS B 63 -9.82 11.53 10.75
CA LYS B 63 -9.40 11.77 9.36
C LYS B 63 -10.27 10.92 8.42
N MSE B 64 -10.64 9.74 8.88
CA MSE B 64 -11.47 8.85 8.08
C MSE B 64 -12.90 9.37 7.94
O MSE B 64 -13.50 9.25 6.88
CB MSE B 64 -11.48 7.43 8.69
CG MSE B 64 -10.10 6.79 8.71
SE MSE B 64 -10.15 4.89 9.09
CE MSE B 64 -10.17 4.24 7.27
N LEU B 65 -13.43 9.93 9.02
CA LEU B 65 -14.76 10.49 8.99
C LEU B 65 -14.74 11.65 7.98
N ASP B 66 -13.69 12.46 8.03
CA ASP B 66 -13.54 13.61 7.13
C ASP B 66 -13.61 13.15 5.67
N LEU B 67 -12.86 12.11 5.34
CA LEU B 67 -12.88 11.60 3.97
C LEU B 67 -14.24 11.01 3.63
N ALA B 68 -14.79 10.23 4.56
CA ALA B 68 -16.09 9.58 4.35
C ALA B 68 -17.20 10.60 4.06
N ILE B 69 -17.17 11.73 4.76
CA ILE B 69 -18.18 12.76 4.56
C ILE B 69 -17.92 13.55 3.28
N SER B 70 -16.64 13.80 2.99
CA SER B 70 -16.28 14.56 1.79
C SER B 70 -16.39 13.76 0.50
N VAL B 71 -16.09 12.46 0.57
CA VAL B 71 -16.14 11.60 -0.61
C VAL B 71 -16.88 10.27 -0.37
N PRO B 72 -18.23 10.30 -0.33
CA PRO B 72 -18.97 9.05 -0.11
C PRO B 72 -18.88 8.11 -1.32
N VAL B 73 -18.92 6.80 -1.08
CA VAL B 73 -18.89 5.85 -2.18
C VAL B 73 -20.17 6.02 -3.00
N ASP B 74 -20.00 6.35 -4.28
CA ASP B 74 -21.12 6.59 -5.15
C ASP B 74 -21.14 5.68 -6.39
N PRO B 75 -21.94 4.60 -6.35
CA PRO B 75 -22.02 3.68 -7.48
C PRO B 75 -22.60 4.27 -8.75
N ASP B 76 -23.34 5.38 -8.63
CA ASP B 76 -23.94 6.02 -9.80
C ASP B 76 -22.97 6.96 -10.52
N ASP B 77 -21.75 7.07 -10.00
CA ASP B 77 -20.75 7.95 -10.58
C ASP B 77 -19.36 7.46 -10.15
N ILE B 78 -19.04 6.23 -10.54
CA ILE B 78 -17.77 5.63 -10.19
C ILE B 78 -16.58 6.50 -10.56
N GLU B 79 -16.61 7.03 -11.77
CA GLU B 79 -15.52 7.88 -12.27
C GLU B 79 -15.38 9.18 -11.48
N GLY B 80 -16.51 9.79 -11.15
CA GLY B 80 -16.48 11.02 -10.38
C GLY B 80 -16.01 10.74 -8.98
N TRP B 81 -16.44 9.60 -8.44
CA TRP B 81 -16.03 9.19 -7.10
C TRP B 81 -14.51 8.99 -7.07
N ILE B 82 -13.97 8.33 -8.10
CA ILE B 82 -12.53 8.11 -8.19
C ILE B 82 -11.78 9.42 -8.24
N ASP B 83 -12.28 10.37 -9.04
CA ASP B 83 -11.63 11.67 -9.15
C ASP B 83 -11.56 12.37 -7.80
N ARG B 84 -12.66 12.34 -7.07
CA ARG B 84 -12.73 12.99 -5.77
C ARG B 84 -11.84 12.28 -4.77
N LEU B 85 -11.79 10.95 -4.84
CA LEU B 85 -10.94 10.20 -3.91
C LEU B 85 -9.46 10.54 -4.16
N LEU B 86 -9.04 10.55 -5.42
CA LEU B 86 -7.67 10.88 -5.74
C LEU B 86 -7.34 12.30 -5.29
N ASP B 87 -8.25 13.24 -5.56
CA ASP B 87 -8.02 14.63 -5.17
C ASP B 87 -7.82 14.77 -3.67
N TYR B 88 -8.68 14.10 -2.90
CA TYR B 88 -8.61 14.14 -1.45
C TYR B 88 -7.26 13.65 -0.90
N HIS B 89 -6.82 12.48 -1.35
CA HIS B 89 -5.54 11.92 -0.88
C HIS B 89 -4.36 12.84 -1.19
N ALA B 90 -4.38 13.44 -2.37
CA ALA B 90 -3.31 14.34 -2.76
C ALA B 90 -3.34 15.56 -1.83
N ALA B 91 -4.53 16.00 -1.46
CA ALA B 91 -4.68 17.16 -0.58
C ALA B 91 -4.49 16.84 0.89
N HIS B 92 -4.67 15.58 1.28
CA HIS B 92 -4.55 15.17 2.68
C HIS B 92 -3.83 13.82 2.76
N PRO B 93 -2.51 13.82 2.59
CA PRO B 93 -1.75 12.56 2.65
C PRO B 93 -1.58 11.88 4.01
N GLU B 94 -1.99 12.54 5.08
CA GLU B 94 -1.83 11.95 6.42
C GLU B 94 -2.68 10.69 6.61
N LEU B 95 -3.88 10.69 6.05
CA LEU B 95 -4.80 9.56 6.20
C LEU B 95 -4.18 8.24 5.77
N LEU B 96 -3.84 8.09 4.49
CA LEU B 96 -3.24 6.85 4.02
C LEU B 96 -1.98 6.48 4.80
N ARG B 97 -1.15 7.47 5.12
CA ARG B 97 0.07 7.17 5.88
C ARG B 97 -0.28 6.54 7.25
N LEU B 98 -1.28 7.10 7.94
CA LEU B 98 -1.69 6.58 9.24
C LEU B 98 -2.28 5.19 9.10
N LEU B 99 -3.05 5.00 8.03
CA LEU B 99 -3.68 3.72 7.74
C LEU B 99 -2.62 2.63 7.58
N PHE B 100 -1.51 2.98 6.92
CA PHE B 100 -0.43 2.02 6.70
C PHE B 100 0.24 1.64 8.00
N TRP B 101 0.52 2.63 8.84
CA TRP B 101 1.15 2.35 10.11
C TRP B 101 0.24 1.46 10.96
N GLU B 102 -1.06 1.70 10.89
CA GLU B 102 -2.02 0.91 11.65
C GLU B 102 -1.98 -0.54 11.17
N GLY B 103 -1.99 -0.72 9.85
CA GLY B 103 -1.95 -2.07 9.31
C GLY B 103 -0.70 -2.79 9.75
N MSE B 104 0.41 -2.06 9.80
CA MSE B 104 1.67 -2.66 10.21
C MSE B 104 1.71 -2.98 11.70
O MSE B 104 2.27 -4.00 12.10
CB MSE B 104 2.83 -1.73 9.85
CG MSE B 104 3.86 -2.38 8.95
SE MSE B 104 5.35 -1.21 8.65
CE MSE B 104 6.09 -1.22 10.47
N GLU B 105 1.10 -2.13 12.51
CA GLU B 105 1.09 -2.34 13.95
C GLU B 105 0.12 -3.43 14.41
N TYR B 106 -1.10 -3.42 13.88
CA TYR B 106 -2.10 -4.39 14.30
C TYR B 106 -2.27 -5.63 13.43
N GLY B 107 -1.77 -5.60 12.21
CA GLY B 107 -1.91 -6.75 11.33
C GLY B 107 -3.36 -7.15 11.23
N THR B 108 -3.68 -8.38 11.65
CA THR B 108 -5.05 -8.87 11.58
C THR B 108 -5.77 -8.85 12.93
N ALA B 109 -5.16 -8.26 13.94
CA ALA B 109 -5.76 -8.21 15.28
C ALA B 109 -6.85 -7.15 15.39
N GLU B 110 -7.74 -7.34 16.36
CA GLU B 110 -8.84 -6.42 16.59
C GLU B 110 -8.30 -5.02 16.82
N LEU B 111 -9.03 -4.02 16.34
CA LEU B 111 -8.63 -2.63 16.50
C LEU B 111 -9.22 -2.00 17.76
N PRO B 112 -8.55 -0.99 18.32
CA PRO B 112 -9.06 -0.33 19.54
C PRO B 112 -10.54 0.07 19.37
N HIS B 113 -10.86 0.67 18.23
CA HIS B 113 -12.22 1.11 17.93
C HIS B 113 -12.82 0.17 16.88
N GLU B 114 -12.61 -1.13 17.06
CA GLU B 114 -13.12 -2.13 16.14
C GLU B 114 -14.56 -1.91 15.71
N ALA B 115 -15.48 -1.80 16.67
CA ALA B 115 -16.89 -1.60 16.35
C ALA B 115 -17.13 -0.42 15.42
N GLU B 116 -16.51 0.72 15.74
CA GLU B 116 -16.69 1.90 14.91
C GLU B 116 -16.11 1.70 13.51
N ARG B 117 -15.03 0.94 13.40
CA ARG B 117 -14.44 0.70 12.10
C ARG B 117 -15.37 -0.19 11.28
N GLN B 118 -15.96 -1.20 11.92
CA GLN B 118 -16.89 -2.10 11.26
C GLN B 118 -18.05 -1.34 10.61
N GLU B 119 -18.63 -0.40 11.34
CA GLU B 119 -19.75 0.41 10.84
C GLU B 119 -19.29 1.25 9.66
N HIS B 120 -18.11 1.83 9.80
CA HIS B 120 -17.53 2.65 8.75
C HIS B 120 -17.60 1.89 7.43
N TYR B 121 -17.09 0.67 7.40
CA TYR B 121 -17.08 -0.14 6.18
C TYR B 121 -18.45 -0.65 5.80
N ALA B 122 -19.27 -1.00 6.79
CA ALA B 122 -20.61 -1.50 6.50
C ALA B 122 -21.38 -0.46 5.70
N ARG B 123 -21.10 0.81 5.97
CA ARG B 123 -21.80 1.88 5.24
C ARG B 123 -21.32 1.98 3.81
N LYS B 124 -20.00 1.94 3.62
CA LYS B 124 -19.46 2.02 2.26
C LYS B 124 -19.91 0.81 1.45
N VAL B 125 -19.86 -0.37 2.05
CA VAL B 125 -20.28 -1.59 1.36
C VAL B 125 -21.74 -1.46 0.92
N ALA B 126 -22.58 -0.96 1.83
CA ALA B 126 -24.00 -0.76 1.56
C ALA B 126 -24.21 0.11 0.33
N ALA B 127 -23.37 1.14 0.17
CA ALA B 127 -23.48 2.02 -1.00
C ALA B 127 -23.19 1.25 -2.27
N VAL B 128 -22.25 0.33 -2.20
CA VAL B 128 -21.88 -0.50 -3.35
C VAL B 128 -22.99 -1.51 -3.64
N ARG B 129 -23.47 -2.16 -2.59
CA ARG B 129 -24.53 -3.15 -2.74
C ARG B 129 -25.76 -2.51 -3.38
N ASP B 130 -26.18 -1.36 -2.85
CA ASP B 130 -27.33 -0.65 -3.37
C ASP B 130 -27.18 -0.46 -4.88
N GLY B 131 -25.97 -0.17 -5.32
CA GLY B 131 -25.73 0.00 -6.73
C GLY B 131 -25.86 -1.31 -7.49
N GLN B 132 -25.56 -2.41 -6.82
CA GLN B 132 -25.68 -3.72 -7.47
C GLN B 132 -27.15 -4.09 -7.59
N GLU B 133 -27.87 -3.96 -6.49
CA GLU B 133 -29.29 -4.30 -6.46
C GLU B 133 -30.07 -3.49 -7.50
N ARG B 134 -29.62 -2.27 -7.76
CA ARG B 134 -30.30 -1.43 -8.73
C ARG B 134 -29.73 -1.68 -10.12
N GLY B 135 -28.80 -2.62 -10.20
CA GLY B 135 -28.19 -3.00 -11.47
C GLY B 135 -27.34 -1.97 -12.17
N VAL B 136 -26.84 -0.98 -11.43
CA VAL B 136 -25.99 0.05 -12.03
C VAL B 136 -24.54 -0.43 -12.05
N ILE B 137 -24.22 -1.40 -11.21
CA ILE B 137 -22.88 -1.96 -11.17
C ILE B 137 -22.95 -3.47 -11.06
N THR B 138 -22.04 -4.16 -11.73
CA THR B 138 -22.00 -5.61 -11.75
C THR B 138 -22.13 -6.23 -10.37
N ASP B 139 -22.62 -7.46 -10.35
CA ASP B 139 -22.76 -8.19 -9.11
C ASP B 139 -22.03 -9.53 -9.25
N ALA B 140 -21.16 -9.59 -10.25
CA ALA B 140 -20.35 -10.77 -10.53
C ALA B 140 -19.32 -10.90 -9.40
N ILE B 141 -19.00 -9.76 -8.80
CA ILE B 141 -18.04 -9.69 -7.69
C ILE B 141 -18.78 -9.14 -6.46
N PRO B 142 -18.57 -9.75 -5.29
CA PRO B 142 -19.27 -9.23 -4.11
C PRO B 142 -18.96 -7.78 -3.75
N ALA B 143 -19.97 -7.09 -3.24
CA ALA B 143 -19.88 -5.69 -2.88
C ALA B 143 -18.60 -5.32 -2.12
N PRO B 144 -18.32 -6.01 -1.02
CA PRO B 144 -17.11 -5.67 -0.25
C PRO B 144 -15.83 -5.81 -1.06
N ASP B 145 -15.67 -6.96 -1.74
CA ASP B 145 -14.48 -7.20 -2.55
C ASP B 145 -14.36 -6.15 -3.64
N LEU B 146 -15.50 -5.80 -4.23
CA LEU B 146 -15.56 -4.81 -5.29
C LEU B 146 -15.06 -3.46 -4.79
N LEU B 147 -15.51 -3.05 -3.61
CA LEU B 147 -15.07 -1.78 -3.03
C LEU B 147 -13.56 -1.84 -2.77
N PHE B 148 -13.11 -2.93 -2.17
CA PHE B 148 -11.69 -3.13 -1.86
C PHE B 148 -10.77 -3.00 -3.06
N LEU B 149 -11.11 -3.67 -4.16
CA LEU B 149 -10.30 -3.64 -5.36
C LEU B 149 -10.25 -2.28 -6.04
N LEU B 150 -11.35 -1.54 -5.97
CA LEU B 150 -11.41 -0.20 -6.56
C LEU B 150 -10.50 0.71 -5.73
N VAL B 151 -10.57 0.56 -4.41
CA VAL B 151 -9.74 1.36 -3.50
C VAL B 151 -8.25 1.02 -3.72
N ALA B 152 -7.96 -0.26 -3.96
CA ALA B 152 -6.59 -0.70 -4.19
C ALA B 152 -5.94 0.05 -5.35
N MSE B 153 -6.65 0.12 -6.48
CA MSE B 153 -6.11 0.80 -7.66
C MSE B 153 -5.95 2.30 -7.42
O MSE B 153 -5.04 2.92 -7.97
CB MSE B 153 -7.03 0.58 -8.87
CG MSE B 153 -7.18 -0.86 -9.30
SE MSE B 153 -8.11 -1.09 -11.02
CE MSE B 153 -9.89 -0.49 -10.49
N ALA B 154 -6.80 2.88 -6.60
CA ALA B 154 -6.73 4.31 -6.34
C ALA B 154 -5.61 4.69 -5.40
N ASN B 155 -5.29 3.81 -4.45
CA ASN B 155 -4.27 4.13 -3.44
C ASN B 155 -2.90 3.49 -3.59
N TRP B 156 -2.79 2.46 -4.40
CA TRP B 156 -1.51 1.75 -4.57
C TRP B 156 -0.34 2.71 -4.81
N ALA B 157 -0.52 3.67 -5.72
CA ALA B 157 0.54 4.63 -6.03
C ALA B 157 1.10 5.33 -4.80
N VAL B 158 0.27 5.56 -3.80
CA VAL B 158 0.73 6.23 -2.57
C VAL B 158 1.70 5.33 -1.78
N VAL B 159 1.48 4.03 -1.84
CA VAL B 159 2.32 3.05 -1.13
C VAL B 159 3.68 2.90 -1.79
N VAL B 160 3.69 2.88 -3.12
CA VAL B 160 4.93 2.71 -3.87
C VAL B 160 5.14 3.83 -4.89
N PRO B 161 5.45 5.06 -4.42
CA PRO B 161 5.67 6.15 -5.36
C PRO B 161 6.86 5.93 -6.31
N GLN B 162 7.81 5.09 -5.92
CA GLN B 162 8.95 4.82 -6.78
C GLN B 162 8.49 3.95 -7.94
N MSE B 163 7.60 3.00 -7.67
CA MSE B 163 7.12 2.14 -8.76
C MSE B 163 6.30 2.95 -9.75
O MSE B 163 6.41 2.79 -10.97
CB MSE B 163 6.27 0.98 -8.24
CG MSE B 163 5.82 0.05 -9.37
SE MSE B 163 4.63 -1.37 -8.83
CE MSE B 163 5.52 -1.87 -7.20
N LYS B 164 5.45 3.83 -9.23
CA LYS B 164 4.61 4.65 -10.09
C LYS B 164 5.50 5.50 -10.97
N ARG B 165 6.42 6.25 -10.35
CA ARG B 165 7.30 7.13 -11.10
C ARG B 165 8.04 6.41 -12.22
N ILE B 166 8.60 5.24 -11.95
CA ILE B 166 9.33 4.52 -12.96
C ILE B 166 8.46 3.88 -14.05
N LEU B 167 7.24 3.48 -13.71
CA LEU B 167 6.38 2.86 -14.71
C LEU B 167 5.63 3.82 -15.63
N VAL B 168 5.13 4.92 -15.08
CA VAL B 168 4.39 5.90 -15.86
C VAL B 168 5.09 7.24 -15.99
N GLY B 169 6.31 7.32 -15.47
CA GLY B 169 7.07 8.56 -15.56
C GLY B 169 6.54 9.62 -14.61
N GLY B 170 7.42 10.53 -14.21
CA GLY B 170 7.01 11.60 -13.31
C GLY B 170 6.29 12.65 -14.12
N GLY B 171 6.06 13.81 -13.53
CA GLY B 171 5.36 14.86 -14.26
C GLY B 171 3.87 14.61 -14.32
N ASP B 172 3.11 15.68 -14.51
CA ASP B 172 1.66 15.61 -14.57
C ASP B 172 1.14 14.66 -15.66
N ALA B 173 1.86 14.56 -16.76
CA ALA B 173 1.45 13.68 -17.86
C ALA B 173 1.28 12.23 -17.39
N GLY B 174 2.03 11.85 -16.36
CA GLY B 174 1.95 10.50 -15.83
C GLY B 174 0.84 10.36 -14.79
N THR B 175 0.80 11.29 -13.85
CA THR B 175 -0.23 11.28 -12.81
C THR B 175 -1.59 11.29 -13.51
N ASP B 176 -1.79 12.30 -14.36
CA ASP B 176 -3.04 12.44 -15.10
C ASP B 176 -3.33 11.21 -15.96
N GLY B 177 -2.30 10.69 -16.61
CA GLY B 177 -2.48 9.51 -17.45
C GLY B 177 -2.95 8.33 -16.63
N LEU B 178 -2.34 8.16 -15.45
CA LEU B 178 -2.67 7.07 -14.54
C LEU B 178 -4.10 7.23 -14.08
N ARG B 179 -4.46 8.45 -13.65
CA ARG B 179 -5.80 8.74 -13.18
C ARG B 179 -6.79 8.26 -14.25
N ASP B 180 -6.47 8.52 -15.50
CA ASP B 180 -7.33 8.10 -16.59
C ASP B 180 -7.41 6.57 -16.67
N SER B 181 -6.28 5.88 -16.48
CA SER B 181 -6.27 4.42 -16.52
C SER B 181 -7.08 3.83 -15.38
N ILE B 182 -6.95 4.43 -14.20
CA ILE B 182 -7.68 3.95 -13.03
C ILE B 182 -9.17 4.00 -13.33
N LYS B 183 -9.62 5.11 -13.92
CA LYS B 183 -11.03 5.24 -14.24
C LYS B 183 -11.49 4.25 -15.30
N LYS B 184 -10.67 4.06 -16.34
CA LYS B 184 -11.03 3.10 -17.38
C LYS B 184 -11.06 1.69 -16.80
N ALA B 185 -10.12 1.39 -15.91
CA ALA B 185 -10.08 0.07 -15.28
C ALA B 185 -11.31 -0.15 -14.37
N ALA B 186 -11.66 0.88 -13.59
CA ALA B 186 -12.80 0.80 -12.69
C ALA B 186 -14.09 0.53 -13.47
N ARG B 187 -14.22 1.19 -14.62
CA ARG B 187 -15.39 1.01 -15.47
C ARG B 187 -15.51 -0.43 -15.96
N ARG B 188 -14.42 -0.98 -16.48
CA ARG B 188 -14.45 -2.35 -17.00
C ARG B 188 -14.82 -3.34 -15.88
N ILE B 189 -14.40 -3.02 -14.66
CA ILE B 189 -14.69 -3.91 -13.53
C ILE B 189 -16.13 -3.89 -13.05
N VAL B 190 -16.74 -2.71 -13.00
CA VAL B 190 -18.11 -2.59 -12.50
C VAL B 190 -19.24 -2.63 -13.53
N ASP B 191 -18.89 -2.55 -14.80
CA ASP B 191 -19.88 -2.54 -15.89
C ASP B 191 -20.90 -3.68 -15.85
N ARG B 192 -22.02 -3.48 -16.54
CA ARG B 192 -23.11 -4.46 -16.65
C ARG B 192 -23.91 -4.64 -15.35
O1 TLA C . 7.62 -3.74 -8.19
O11 TLA C . 8.05 -5.30 -9.69
C1 TLA C . 7.31 -4.80 -8.69
C2 TLA C . 6.09 -5.57 -8.19
O2 TLA C . 5.47 -4.85 -7.12
C3 TLA C . 6.51 -6.96 -7.70
O3 TLA C . 7.80 -6.91 -7.08
C4 TLA C . 5.50 -7.48 -6.70
O4 TLA C . 5.86 -7.76 -5.58
O41 TLA C . 4.22 -7.63 -7.04
O1 TLA D . -8.29 6.18 1.54
O11 TLA D . -9.71 5.23 0.15
C1 TLA D . -9.29 5.54 1.39
C2 TLA D . -10.10 5.10 2.60
O2 TLA D . -9.45 5.58 3.79
C3 TLA D . -10.17 3.57 2.64
O3 TLA D . -8.84 3.02 2.60
C4 TLA D . -10.90 3.14 3.90
O4 TLA D . -10.34 2.43 4.71
O41 TLA D . -12.17 3.55 4.12
#